data_3OXZ
#
_entry.id   3OXZ
#
_cell.length_a   41.883
_cell.length_b   59.906
_cell.length_c   66.281
_cell.angle_alpha   90.000
_cell.angle_beta   96.010
_cell.angle_gamma   90.000
#
_symmetry.space_group_name_H-M   'P 1 21 1'
#
loop_
_entity.id
_entity.type
_entity.pdbx_description
1 polymer 'Tyrosine-protein kinase ABL1'
2 non-polymer '3-(imidazo[1,2-b]pyridazin-3-ylethynyl)-4-methyl-N-{4-[(4-methylpiperazin-1-yl)methyl]-3-(trifluoromethyl)phenyl}benzam ide'
3 water water
#
_entity_poly.entity_id   1
_entity_poly.type   'polypeptide(L)'
_entity_poly.pdbx_seq_one_letter_code
;GSPNYDKWEMERTDITMKHKLGGGQYGEVYEGVWKKYSLTVAVKTLKEDTMEVEEFLKEAAVMKEIKHPNLVQLLGVCTR
EPPFYIITEFMTYGNLLDYLRECNRQEVSAVVLLYMATQISSAMEYLEKKNFIHRDLAARNCLVGENHLVKVADFGLSRL
MTGDTYTAHAGAKFPIKWTAPESLAYNKFSIKSDVWAFGVLLWEIATYGMSPYPGIDLSQVYELLEKDYRMERPEGCPEK
VYELMRACWQWNPSDRPSFAEIHQAFETMFQESSISDEVEKELG
;
_entity_poly.pdbx_strand_id   A
#
loop_
_chem_comp.id
_chem_comp.type
_chem_comp.name
_chem_comp.formula
0LI non-polymer '3-(imidazo[1,2-b]pyridazin-3-ylethynyl)-4-methyl-N-{4-[(4-methylpiperazin-1-yl)methyl]-3-(trifluoromethyl)phenyl}benzam ide' 'C29 H27 F3 N6 O'
#
# COMPACT_ATOMS: atom_id res chain seq x y z
N GLY A 1 -23.23 26.28 1.30
CA GLY A 1 -24.10 27.40 0.81
C GLY A 1 -25.48 27.38 1.43
N SER A 2 -25.81 26.28 2.12
CA SER A 2 -27.05 26.17 2.86
C SER A 2 -26.73 25.51 4.21
N PRO A 3 -27.67 25.56 5.17
CA PRO A 3 -27.34 25.26 6.57
C PRO A 3 -26.79 23.84 6.84
N ASN A 4 -27.29 22.86 6.12
CA ASN A 4 -26.89 21.47 6.35
C ASN A 4 -25.93 20.99 5.27
N TYR A 5 -25.28 21.93 4.59
CA TYR A 5 -24.28 21.59 3.59
C TYR A 5 -23.02 20.98 4.21
N ASP A 6 -22.52 19.93 3.57
CA ASP A 6 -21.24 19.33 3.95
C ASP A 6 -20.48 18.96 2.69
N LYS A 7 -19.31 19.55 2.51
CA LYS A 7 -18.63 19.47 1.22
C LYS A 7 -18.14 18.07 0.89
N TRP A 8 -18.24 17.12 1.83
CA TRP A 8 -17.80 15.76 1.53
C TRP A 8 -18.95 14.80 1.27
N GLU A 9 -20.15 15.21 1.66
CA GLU A 9 -21.33 14.33 1.68
C GLU A 9 -22.01 14.24 0.34
N MET A 10 -22.04 13.06 -0.25
CA MET A 10 -22.87 12.85 -1.43
C MET A 10 -24.19 12.21 -1.05
N GLU A 11 -25.13 12.15 -1.98
CA GLU A 11 -26.37 11.43 -1.76
C GLU A 11 -26.21 10.03 -2.33
N ARG A 12 -26.64 9.03 -1.57
CA ARG A 12 -26.55 7.66 -2.04
C ARG A 12 -27.08 7.49 -3.46
N THR A 13 -28.09 8.28 -3.81
CA THR A 13 -28.73 8.14 -5.12
C THR A 13 -27.87 8.69 -6.26
N ASP A 14 -26.73 9.29 -5.92
CA ASP A 14 -25.79 9.80 -6.90
C ASP A 14 -24.99 8.65 -7.50
N ILE A 15 -25.06 7.51 -6.83
CA ILE A 15 -24.15 6.42 -7.09
C ILE A 15 -24.89 5.18 -7.57
N THR A 16 -24.46 4.60 -8.68
CA THR A 16 -24.91 3.26 -9.10
C THR A 16 -23.96 2.22 -8.50
N MET A 17 -24.49 1.38 -7.62
CA MET A 17 -23.68 0.29 -7.06
C MET A 17 -23.70 -0.92 -8.00
N LYS A 18 -22.52 -1.49 -8.23
CA LYS A 18 -22.42 -2.64 -9.10
C LYS A 18 -21.89 -3.82 -8.31
N HIS A 19 -20.93 -4.56 -8.87
CA HIS A 19 -20.45 -5.79 -8.25
C HIS A 19 -19.46 -5.54 -7.12
N LYS A 20 -19.33 -6.52 -6.22
CA LYS A 20 -18.30 -6.47 -5.19
C LYS A 20 -16.95 -6.79 -5.82
N LEU A 21 -15.91 -6.03 -5.44
CA LEU A 21 -14.60 -6.23 -6.03
C LEU A 21 -13.84 -7.42 -5.47
N GLY A 22 -13.18 -8.14 -6.38
CA GLY A 22 -12.12 -9.06 -5.99
C GLY A 22 -12.59 -10.33 -5.31
N GLY A 23 -13.78 -10.80 -5.67
CA GLY A 23 -14.36 -11.95 -5.03
C GLY A 23 -14.70 -11.72 -3.56
N GLY A 24 -14.58 -10.47 -3.11
CA GLY A 24 -14.82 -10.19 -1.71
C GLY A 24 -13.51 -10.22 -0.93
N GLN A 25 -12.40 -10.19 -1.65
CA GLN A 25 -11.10 -10.19 -0.98
C GLN A 25 -10.78 -8.85 -0.35
N TYR A 26 -11.49 -7.80 -0.77
CA TYR A 26 -11.28 -6.48 -0.20
C TYR A 26 -12.33 -6.18 0.88
N GLY A 27 -13.24 -7.12 1.11
CA GLY A 27 -14.34 -6.88 2.03
C GLY A 27 -15.51 -6.23 1.32
N GLU A 28 -16.22 -5.33 1.98
CA GLU A 28 -17.39 -4.70 1.39
C GLU A 28 -16.99 -3.51 0.50
N VAL A 29 -16.26 -3.81 -0.56
CA VAL A 29 -15.85 -2.80 -1.52
C VAL A 29 -16.42 -3.14 -2.88
N TYR A 30 -17.17 -2.21 -3.45
CA TYR A 30 -17.89 -2.45 -4.68
C TYR A 30 -17.39 -1.52 -5.77
N GLU A 31 -17.56 -1.96 -7.02
CA GLU A 31 -17.52 -1.04 -8.12
C GLU A 31 -18.83 -0.26 -8.20
N GLY A 32 -18.74 1.00 -8.57
CA GLY A 32 -19.92 1.83 -8.64
C GLY A 32 -19.73 2.94 -9.63
N VAL A 33 -20.82 3.62 -9.96
CA VAL A 33 -20.71 4.76 -10.84
C VAL A 33 -21.32 5.98 -10.19
N TRP A 34 -20.61 7.09 -10.26
CA TRP A 34 -21.13 8.36 -9.83
C TRP A 34 -21.91 8.92 -11.02
N LYS A 35 -23.21 8.64 -11.06
CA LYS A 35 -23.96 8.76 -12.31
C LYS A 35 -23.94 10.16 -12.91
N LYS A 36 -23.80 11.17 -12.06
CA LYS A 36 -23.79 12.55 -12.52
C LYS A 36 -22.74 12.71 -13.60
N TYR A 37 -21.50 12.36 -13.26
CA TYR A 37 -20.36 12.64 -14.12
C TYR A 37 -19.93 11.39 -14.85
N SER A 38 -20.83 10.42 -14.89
CA SER A 38 -20.51 9.04 -15.23
C SER A 38 -19.47 8.55 -14.23
N LEU A 39 -18.21 8.45 -14.64
CA LEU A 39 -17.12 8.11 -13.73
C LEU A 39 -17.30 6.86 -12.86
N THR A 40 -16.54 5.82 -13.17
CA THR A 40 -16.49 4.62 -12.34
C THR A 40 -15.70 4.92 -11.08
N VAL A 41 -16.26 4.52 -9.94
CA VAL A 41 -15.63 4.75 -8.64
C VAL A 41 -15.60 3.43 -7.87
N ALA A 42 -14.92 3.43 -6.72
CA ALA A 42 -15.05 2.35 -5.77
C ALA A 42 -15.77 2.85 -4.52
N VAL A 43 -16.57 1.95 -3.96
CA VAL A 43 -17.42 2.29 -2.82
C VAL A 43 -17.27 1.23 -1.74
N LYS A 44 -16.77 1.66 -0.59
CA LYS A 44 -16.78 0.83 0.59
C LYS A 44 -18.07 1.15 1.37
N THR A 45 -18.67 0.10 1.92
CA THR A 45 -19.85 0.27 2.73
C THR A 45 -19.69 -0.51 4.02
N LEU A 46 -20.73 -0.48 4.85
CA LEU A 46 -20.69 -1.08 6.18
C LEU A 46 -21.78 -2.15 6.27
N VAL A 53 -19.19 0.69 13.20
CA VAL A 53 -19.61 1.95 12.59
C VAL A 53 -18.68 3.11 12.95
N GLU A 54 -18.19 3.15 14.18
CA GLU A 54 -17.27 4.21 14.57
C GLU A 54 -16.00 4.10 13.75
N GLU A 55 -15.50 2.87 13.68
CA GLU A 55 -14.33 2.55 12.89
C GLU A 55 -14.53 3.10 11.48
N PHE A 56 -15.73 2.92 10.94
CA PHE A 56 -16.03 3.40 9.60
C PHE A 56 -15.96 4.92 9.59
N LEU A 57 -16.50 5.56 10.62
CA LEU A 57 -16.50 7.01 10.71
C LEU A 57 -15.10 7.60 10.90
N LYS A 58 -14.26 6.89 11.64
CA LYS A 58 -12.88 7.27 11.82
C LYS A 58 -12.16 7.23 10.47
N GLU A 59 -12.40 6.18 9.69
CA GLU A 59 -11.72 6.01 8.41
C GLU A 59 -12.06 7.17 7.50
N ALA A 60 -13.34 7.53 7.49
CA ALA A 60 -13.80 8.63 6.66
C ALA A 60 -13.12 9.91 7.10
N ALA A 61 -13.07 10.11 8.40
CA ALA A 61 -12.49 11.32 9.00
C ALA A 61 -11.00 11.40 8.69
N VAL A 62 -10.32 10.27 8.74
CA VAL A 62 -8.91 10.27 8.40
C VAL A 62 -8.67 10.60 6.94
N MET A 63 -9.44 9.97 6.05
CA MET A 63 -9.26 10.13 4.63
C MET A 63 -9.48 11.57 4.18
N LYS A 64 -10.40 12.28 4.83
CA LYS A 64 -10.61 13.67 4.51
C LYS A 64 -9.32 14.47 4.74
N GLU A 65 -8.45 13.94 5.59
CA GLU A 65 -7.19 14.60 5.98
C GLU A 65 -6.02 14.30 5.02
N ILE A 66 -6.24 13.35 4.13
CA ILE A 66 -5.17 12.80 3.29
C ILE A 66 -5.37 13.19 1.84
N LYS A 67 -4.40 13.89 1.28
CA LYS A 67 -4.40 14.19 -0.15
C LYS A 67 -2.98 14.16 -0.68
N HIS A 68 -2.71 13.14 -1.50
CA HIS A 68 -1.40 12.91 -2.05
C HIS A 68 -1.57 12.11 -3.32
N PRO A 69 -0.73 12.37 -4.33
CA PRO A 69 -0.83 11.66 -5.62
C PRO A 69 -0.74 10.13 -5.56
N ASN A 70 -0.12 9.60 -4.52
CA ASN A 70 0.06 8.17 -4.43
C ASN A 70 -0.73 7.60 -3.25
N LEU A 71 -1.74 8.32 -2.83
CA LEU A 71 -2.68 7.79 -1.85
C LEU A 71 -4.05 7.76 -2.50
N VAL A 72 -4.74 6.62 -2.38
CA VAL A 72 -6.06 6.47 -3.01
C VAL A 72 -6.97 7.62 -2.59
N GLN A 73 -7.46 8.36 -3.58
CA GLN A 73 -8.10 9.65 -3.34
C GLN A 73 -9.59 9.55 -3.01
N LEU A 74 -9.97 10.08 -1.85
CA LEU A 74 -11.36 10.19 -1.45
C LEU A 74 -12.09 11.19 -2.34
N LEU A 75 -13.32 10.84 -2.71
CA LEU A 75 -14.15 11.69 -3.55
C LEU A 75 -15.40 12.13 -2.80
N GLY A 76 -15.83 11.32 -1.85
CA GLY A 76 -17.01 11.64 -1.07
C GLY A 76 -17.37 10.57 -0.06
N VAL A 77 -18.32 10.89 0.80
CA VAL A 77 -18.81 9.93 1.78
C VAL A 77 -20.32 10.06 1.84
N CYS A 78 -20.97 9.04 2.37
CA CYS A 78 -22.39 9.11 2.71
C CYS A 78 -22.49 8.64 4.15
N THR A 79 -22.39 9.57 5.08
CA THR A 79 -22.30 9.23 6.48
C THR A 79 -23.34 9.96 7.33
N ARG A 80 -24.40 10.44 6.68
CA ARG A 80 -25.49 11.07 7.39
C ARG A 80 -26.44 10.02 7.95
N GLU A 81 -26.71 8.98 7.17
CA GLU A 81 -27.54 7.87 7.63
C GLU A 81 -27.15 6.61 6.88
N PRO A 82 -27.45 5.45 7.46
CA PRO A 82 -27.18 4.14 6.85
C PRO A 82 -27.97 3.97 5.54
N PRO A 83 -27.40 3.24 4.57
CA PRO A 83 -26.05 2.68 4.55
C PRO A 83 -24.97 3.75 4.43
N PHE A 84 -23.87 3.53 5.14
CA PHE A 84 -22.74 4.43 5.10
C PHE A 84 -21.87 4.10 3.89
N TYR A 85 -21.45 5.13 3.16
CA TYR A 85 -20.56 4.94 2.02
C TYR A 85 -19.29 5.74 2.21
N ILE A 86 -18.19 5.20 1.69
CA ILE A 86 -16.99 5.97 1.35
C ILE A 86 -16.71 5.73 -0.13
N ILE A 87 -16.52 6.81 -0.87
CA ILE A 87 -16.35 6.76 -2.32
C ILE A 87 -14.97 7.27 -2.73
N THR A 88 -14.18 6.42 -3.36
CA THR A 88 -12.84 6.83 -3.81
C THR A 88 -12.73 6.64 -5.31
N GLU A 89 -11.68 7.22 -5.90
CA GLU A 89 -11.37 7.02 -7.31
C GLU A 89 -11.20 5.54 -7.51
N PHE A 90 -11.37 5.10 -8.74
CA PHE A 90 -11.25 3.69 -9.04
C PHE A 90 -9.87 3.40 -9.63
N MET A 91 -9.23 2.33 -9.16
CA MET A 91 -7.92 1.93 -9.67
C MET A 91 -8.04 0.66 -10.47
N THR A 92 -7.72 0.79 -11.75
CA THR A 92 -8.21 -0.14 -12.75
C THR A 92 -7.50 -1.50 -12.82
N TYR A 93 -6.29 -1.61 -12.28
CA TYR A 93 -5.60 -2.90 -12.29
C TYR A 93 -5.64 -3.66 -10.96
N GLY A 94 -6.42 -3.17 -10.01
CA GLY A 94 -6.54 -3.86 -8.73
C GLY A 94 -5.27 -3.77 -7.91
N ASN A 95 -5.09 -4.72 -7.01
CA ASN A 95 -4.07 -4.60 -5.99
C ASN A 95 -2.71 -5.06 -6.49
N LEU A 96 -1.65 -4.61 -5.80
CA LEU A 96 -0.28 -4.76 -6.28
C LEU A 96 0.19 -6.20 -6.24
N LEU A 97 -0.22 -6.93 -5.21
CA LEU A 97 0.21 -8.31 -5.06
C LEU A 97 -0.18 -9.19 -6.24
N ASP A 98 -1.45 -9.11 -6.66
CA ASP A 98 -1.94 -9.92 -7.79
C ASP A 98 -1.42 -9.38 -9.12
N TYR A 99 -1.39 -8.06 -9.24
CA TYR A 99 -0.76 -7.43 -10.38
C TYR A 99 0.63 -8.01 -10.62
N LEU A 100 1.40 -8.18 -9.56
CA LEU A 100 2.76 -8.70 -9.72
C LEU A 100 2.77 -10.18 -10.12
N ARG A 101 1.84 -10.94 -9.54
CA ARG A 101 1.76 -12.38 -9.79
C ARG A 101 1.33 -12.69 -11.20
N GLU A 102 0.65 -11.75 -11.84
CA GLU A 102 0.06 -12.01 -13.15
C GLU A 102 0.79 -11.30 -14.30
N CYS A 103 1.79 -10.47 -13.97
CA CYS A 103 2.24 -9.46 -14.93
C CYS A 103 3.13 -10.04 -16.01
N ASN A 104 3.23 -9.34 -17.13
CA ASN A 104 4.27 -9.62 -18.10
C ASN A 104 5.51 -8.85 -17.69
N ARG A 105 6.57 -9.59 -17.35
CA ARG A 105 7.79 -9.00 -16.82
C ARG A 105 8.59 -8.26 -17.87
N GLN A 106 8.13 -8.35 -19.12
CA GLN A 106 8.69 -7.57 -20.19
C GLN A 106 8.19 -6.14 -20.04
N GLU A 107 6.96 -5.99 -19.56
CA GLU A 107 6.41 -4.67 -19.29
C GLU A 107 6.79 -4.25 -17.88
N VAL A 108 6.50 -5.11 -16.92
CA VAL A 108 6.86 -4.85 -15.53
C VAL A 108 8.32 -5.19 -15.28
N SER A 109 9.18 -4.43 -15.96
CA SER A 109 10.61 -4.62 -15.92
C SER A 109 11.20 -4.06 -14.65
N ALA A 110 12.53 -4.21 -14.56
CA ALA A 110 13.27 -3.82 -13.38
C ALA A 110 13.09 -2.35 -13.00
N VAL A 111 13.01 -1.47 -13.99
CA VAL A 111 12.85 -0.05 -13.73
C VAL A 111 11.43 0.23 -13.23
N VAL A 112 10.47 -0.61 -13.63
CA VAL A 112 9.10 -0.49 -13.11
C VAL A 112 9.06 -0.87 -11.64
N LEU A 113 9.80 -1.90 -11.26
CA LEU A 113 9.84 -2.32 -9.87
C LEU A 113 10.36 -1.17 -9.00
N LEU A 114 11.39 -0.48 -9.49
CA LEU A 114 11.91 0.70 -8.81
C LEU A 114 10.90 1.82 -8.79
N TYR A 115 10.19 2.00 -9.89
CA TYR A 115 9.14 3.01 -9.96
C TYR A 115 8.05 2.74 -8.91
N MET A 116 7.62 1.47 -8.82
CA MET A 116 6.60 1.09 -7.83
C MET A 116 7.10 1.42 -6.42
N ALA A 117 8.34 1.05 -6.13
CA ALA A 117 8.94 1.35 -4.84
C ALA A 117 9.07 2.86 -4.60
N THR A 118 9.39 3.63 -5.63
CA THR A 118 9.50 5.07 -5.44
C THR A 118 8.15 5.69 -5.14
N GLN A 119 7.09 5.22 -5.79
CA GLN A 119 5.77 5.77 -5.53
C GLN A 119 5.30 5.44 -4.13
N ILE A 120 5.54 4.22 -3.68
CA ILE A 120 5.06 3.84 -2.37
C ILE A 120 5.81 4.58 -1.26
N SER A 121 7.14 4.63 -1.34
CA SER A 121 7.91 5.37 -0.35
C SER A 121 7.46 6.83 -0.35
N SER A 122 7.03 7.32 -1.48
CA SER A 122 6.62 8.72 -1.59
C SER A 122 5.33 9.03 -0.81
N ALA A 123 4.37 8.12 -0.84
CA ALA A 123 3.15 8.28 -0.06
C ALA A 123 3.46 8.17 1.43
N MET A 124 4.34 7.23 1.77
CA MET A 124 4.73 6.99 3.15
C MET A 124 5.53 8.14 3.76
N GLU A 125 6.39 8.77 2.95
CA GLU A 125 7.06 9.98 3.40
C GLU A 125 6.02 11.06 3.70
N TYR A 126 4.99 11.12 2.86
CA TYR A 126 3.88 12.01 3.10
C TYR A 126 3.15 11.68 4.42
N LEU A 127 2.79 10.42 4.62
CA LEU A 127 2.19 10.03 5.90
C LEU A 127 3.14 10.29 7.07
N GLU A 128 4.42 10.07 6.83
CA GLU A 128 5.43 10.34 7.86
C GLU A 128 5.41 11.85 8.23
N LYS A 129 5.40 12.71 7.23
CA LYS A 129 5.41 14.16 7.48
C LYS A 129 4.13 14.53 8.21
N LYS A 130 3.04 13.89 7.83
CA LYS A 130 1.75 14.23 8.41
C LYS A 130 1.54 13.58 9.77
N ASN A 131 2.51 12.82 10.25
CA ASN A 131 2.40 12.13 11.55
C ASN A 131 1.31 11.08 11.59
N PHE A 132 1.02 10.45 10.45
CA PHE A 132 0.13 9.31 10.45
C PHE A 132 0.97 8.05 10.53
N ILE A 133 0.30 6.95 10.78
CA ILE A 133 0.92 5.63 10.81
C ILE A 133 -0.03 4.70 10.06
N HIS A 134 0.49 4.01 9.05
CA HIS A 134 -0.36 3.17 8.22
C HIS A 134 -0.82 1.94 8.98
N ARG A 135 0.15 1.23 9.55
CA ARG A 135 -0.09 0.03 10.36
C ARG A 135 -0.31 -1.29 9.65
N ASP A 136 -0.60 -1.26 8.35
CA ASP A 136 -0.75 -2.50 7.58
C ASP A 136 -0.21 -2.42 6.15
N LEU A 137 1.01 -1.92 5.98
CA LEU A 137 1.57 -1.72 4.66
C LEU A 137 1.93 -3.08 4.07
N ALA A 138 1.51 -3.34 2.84
CA ALA A 138 1.78 -4.63 2.17
C ALA A 138 1.32 -4.50 0.75
N ALA A 139 1.83 -5.34 -0.14
CA ALA A 139 1.38 -5.26 -1.55
C ALA A 139 -0.14 -5.43 -1.67
N ARG A 140 -0.70 -6.33 -0.88
CA ARG A 140 -2.15 -6.58 -0.96
C ARG A 140 -2.90 -5.29 -0.70
N ASN A 141 -2.19 -4.29 -0.19
CA ASN A 141 -2.82 -3.03 0.21
C ASN A 141 -2.48 -1.87 -0.69
N CYS A 142 -1.77 -2.15 -1.77
CA CYS A 142 -1.48 -1.11 -2.74
C CYS A 142 -2.30 -1.35 -4.00
N LEU A 143 -2.76 -0.27 -4.62
CA LEU A 143 -3.55 -0.38 -5.83
C LEU A 143 -2.79 0.14 -7.05
N VAL A 144 -3.05 -0.51 -8.20
CA VAL A 144 -2.37 -0.19 -9.44
C VAL A 144 -3.37 0.36 -10.46
N GLY A 145 -2.95 1.42 -11.15
CA GLY A 145 -3.75 1.97 -12.22
C GLY A 145 -3.05 1.86 -13.56
N GLU A 146 -3.23 2.90 -14.36
CA GLU A 146 -2.70 2.95 -15.71
C GLU A 146 -1.22 3.26 -15.63
N ASN A 147 -0.43 2.69 -16.54
CA ASN A 147 1.01 3.02 -16.63
C ASN A 147 1.77 2.86 -15.33
N HIS A 148 1.38 1.84 -14.56
CA HIS A 148 2.11 1.45 -13.36
C HIS A 148 2.05 2.52 -12.30
N LEU A 149 1.00 3.32 -12.38
CA LEU A 149 0.58 4.13 -11.25
C LEU A 149 0.27 3.20 -10.07
N VAL A 150 0.85 3.53 -8.92
CA VAL A 150 0.61 2.76 -7.72
C VAL A 150 0.18 3.70 -6.60
N LYS A 151 -0.86 3.29 -5.88
CA LYS A 151 -1.29 4.08 -4.74
C LYS A 151 -1.43 3.19 -3.53
N VAL A 152 -1.10 3.77 -2.37
CA VAL A 152 -1.24 3.10 -1.09
C VAL A 152 -2.68 3.19 -0.60
N ALA A 153 -3.21 2.07 -0.15
CA ALA A 153 -4.55 2.05 0.43
C ALA A 153 -4.54 1.33 1.78
N ASP A 154 -5.73 1.08 2.31
CA ASP A 154 -5.90 0.28 3.52
C ASP A 154 -7.31 -0.30 3.43
N PHE A 155 -7.43 -1.60 3.59
CA PHE A 155 -8.72 -2.25 3.44
C PHE A 155 -9.16 -2.87 4.75
N GLY A 156 -8.39 -2.62 5.81
CA GLY A 156 -8.73 -3.12 7.12
C GLY A 156 -9.08 -4.58 7.03
N LEU A 157 -8.10 -5.39 6.61
CA LEU A 157 -8.35 -6.72 6.09
C LEU A 157 -8.23 -7.81 7.18
N SER A 158 -7.68 -7.44 8.33
CA SER A 158 -7.45 -8.40 9.39
C SER A 158 -8.76 -9.01 9.89
N TYR A 166 -2.51 -12.77 7.97
CA TYR A 166 -3.13 -12.48 9.27
C TYR A 166 -3.34 -13.78 10.07
N THR A 167 -3.08 -13.71 11.37
CA THR A 167 -3.31 -14.84 12.26
C THR A 167 -3.73 -14.36 13.64
N GLY A 171 -3.30 -10.35 20.72
CA GLY A 171 -4.27 -9.26 20.71
C GLY A 171 -5.35 -9.42 19.65
N ALA A 172 -5.07 -8.95 18.42
CA ALA A 172 -6.00 -9.08 17.31
C ALA A 172 -5.56 -10.17 16.35
N LYS A 173 -5.98 -10.04 15.09
CA LYS A 173 -5.34 -10.77 14.00
C LYS A 173 -4.19 -9.92 13.41
N PHE A 174 -3.04 -10.56 13.21
CA PHE A 174 -1.84 -9.86 12.71
C PHE A 174 -1.34 -10.45 11.39
N PRO A 175 -0.89 -9.59 10.47
CA PRO A 175 -0.09 -10.04 9.34
C PRO A 175 1.33 -10.30 9.86
N ILE A 176 1.52 -11.44 10.51
CA ILE A 176 2.77 -11.75 11.21
C ILE A 176 4.02 -11.39 10.41
N LYS A 177 4.03 -11.77 9.13
CA LYS A 177 5.26 -11.68 8.35
C LYS A 177 5.64 -10.28 7.89
N TRP A 178 4.75 -9.31 8.09
CA TRP A 178 5.05 -7.91 7.73
C TRP A 178 5.27 -7.08 8.97
N THR A 179 5.26 -7.75 10.13
CA THR A 179 5.13 -7.04 11.39
C THR A 179 6.50 -6.91 12.06
N ALA A 180 6.81 -5.70 12.53
CA ALA A 180 8.05 -5.42 13.23
C ALA A 180 8.08 -6.11 14.59
N PRO A 181 9.29 -6.49 15.05
CA PRO A 181 9.50 -7.19 16.32
C PRO A 181 8.85 -6.51 17.51
N GLU A 182 9.06 -5.20 17.63
CA GLU A 182 8.53 -4.46 18.79
C GLU A 182 7.02 -4.40 18.73
N SER A 183 6.47 -4.62 17.54
CA SER A 183 5.03 -4.61 17.36
C SER A 183 4.46 -5.98 17.70
N LEU A 184 5.17 -7.04 17.33
CA LEU A 184 4.76 -8.41 17.66
C LEU A 184 4.88 -8.65 19.16
N ALA A 185 5.99 -8.21 19.73
CA ALA A 185 6.30 -8.41 21.14
C ALA A 185 5.58 -7.44 22.07
N TYR A 186 5.64 -6.14 21.77
CA TYR A 186 5.18 -5.15 22.75
C TYR A 186 4.02 -4.31 22.26
N ASN A 187 3.55 -4.57 21.05
CA ASN A 187 2.41 -3.87 20.53
C ASN A 187 2.72 -2.39 20.30
N LYS A 188 3.99 -2.08 20.04
CA LYS A 188 4.41 -0.74 19.69
C LYS A 188 4.40 -0.53 18.17
N PHE A 189 3.49 0.32 17.70
CA PHE A 189 3.38 0.60 16.27
C PHE A 189 3.81 2.02 15.99
N SER A 190 4.51 2.23 14.88
CA SER A 190 4.99 3.56 14.60
C SER A 190 5.30 3.65 13.13
N ILE A 191 5.78 4.81 12.70
CA ILE A 191 6.16 4.99 11.32
C ILE A 191 7.40 4.14 11.05
N LYS A 192 8.17 3.87 12.09
CA LYS A 192 9.29 2.96 11.97
C LYS A 192 8.85 1.48 11.86
N SER A 193 7.71 1.12 12.44
CA SER A 193 7.21 -0.22 12.15
C SER A 193 6.59 -0.29 10.74
N ASP A 194 6.16 0.85 10.20
CA ASP A 194 5.81 0.91 8.77
C ASP A 194 7.05 0.71 7.89
N VAL A 195 8.17 1.28 8.31
CA VAL A 195 9.42 1.17 7.56
C VAL A 195 9.80 -0.30 7.45
N TRP A 196 9.64 -1.05 8.54
CA TRP A 196 9.91 -2.49 8.55
C TRP A 196 8.97 -3.21 7.58
N ALA A 197 7.68 -2.89 7.62
CA ALA A 197 6.70 -3.47 6.68
C ALA A 197 7.08 -3.13 5.24
N PHE A 198 7.43 -1.87 5.00
CA PHE A 198 7.84 -1.43 3.67
C PHE A 198 9.00 -2.28 3.16
N GLY A 199 9.88 -2.67 4.07
CA GLY A 199 10.98 -3.55 3.72
C GLY A 199 10.52 -4.91 3.22
N VAL A 200 9.46 -5.47 3.80
CA VAL A 200 8.89 -6.74 3.32
C VAL A 200 8.18 -6.49 1.99
N LEU A 201 7.57 -5.31 1.87
CA LEU A 201 6.98 -4.91 0.60
C LEU A 201 8.02 -4.91 -0.54
N LEU A 202 9.21 -4.38 -0.26
CA LEU A 202 10.29 -4.38 -1.25
C LEU A 202 10.61 -5.80 -1.72
N TRP A 203 10.65 -6.72 -0.76
CA TRP A 203 10.94 -8.10 -1.05
C TRP A 203 9.79 -8.72 -1.86
N GLU A 204 8.56 -8.27 -1.62
CA GLU A 204 7.39 -8.75 -2.36
C GLU A 204 7.48 -8.25 -3.80
N ILE A 205 7.87 -6.99 -3.94
CA ILE A 205 8.05 -6.45 -5.26
C ILE A 205 9.17 -7.21 -5.94
N ALA A 206 10.27 -7.44 -5.22
CA ALA A 206 11.46 -8.04 -5.84
C ALA A 206 11.20 -9.46 -6.33
N THR A 207 10.29 -10.17 -5.67
CA THR A 207 9.98 -11.55 -6.05
C THR A 207 8.75 -11.63 -6.93
N TYR A 208 8.24 -10.47 -7.35
CA TYR A 208 6.97 -10.45 -8.06
C TYR A 208 5.88 -11.22 -7.29
N GLY A 209 5.74 -10.91 -6.00
CA GLY A 209 4.55 -11.35 -5.30
C GLY A 209 4.66 -12.66 -4.54
N MET A 210 5.89 -13.08 -4.25
CA MET A 210 6.08 -14.25 -3.39
C MET A 210 5.68 -14.00 -1.93
N SER A 211 5.18 -15.03 -1.27
CA SER A 211 4.94 -14.95 0.17
C SER A 211 6.26 -14.79 0.92
N PRO A 212 6.28 -13.90 1.91
CA PRO A 212 7.51 -13.70 2.68
C PRO A 212 7.97 -14.94 3.46
N TYR A 213 9.25 -14.95 3.81
CA TYR A 213 9.89 -16.03 4.54
C TYR A 213 9.39 -17.39 4.04
N PRO A 214 9.66 -17.70 2.77
CA PRO A 214 9.17 -18.97 2.22
C PRO A 214 9.65 -20.22 2.96
N GLY A 215 8.74 -21.14 3.23
CA GLY A 215 9.12 -22.41 3.82
C GLY A 215 9.24 -22.37 5.32
N ILE A 216 9.42 -21.17 5.87
CA ILE A 216 9.50 -20.96 7.30
C ILE A 216 8.07 -20.78 7.82
N ASP A 217 7.76 -21.38 8.96
CA ASP A 217 6.40 -21.32 9.47
C ASP A 217 6.26 -20.21 10.50
N LEU A 218 5.04 -19.70 10.63
CA LEU A 218 4.80 -18.45 11.30
C LEU A 218 5.30 -18.42 12.75
N SER A 219 5.27 -19.58 13.41
CA SER A 219 5.51 -19.62 14.85
C SER A 219 6.98 -19.37 15.18
N GLN A 220 7.82 -19.39 14.16
CA GLN A 220 9.27 -19.35 14.35
C GLN A 220 9.82 -17.96 14.03
N VAL A 221 9.05 -17.19 13.28
CA VAL A 221 9.51 -15.93 12.73
C VAL A 221 10.21 -15.02 13.76
N TYR A 222 9.53 -14.68 14.84
CA TYR A 222 10.09 -13.74 15.81
C TYR A 222 11.45 -14.22 16.31
N GLU A 223 11.49 -15.48 16.76
CA GLU A 223 12.69 -16.02 17.36
C GLU A 223 13.86 -15.95 16.39
N LEU A 224 13.60 -16.29 15.13
CA LEU A 224 14.57 -16.17 14.05
C LEU A 224 15.04 -14.72 13.77
N LEU A 225 14.11 -13.78 13.77
CA LEU A 225 14.44 -12.36 13.62
C LEU A 225 15.31 -11.88 14.78
N GLU A 226 15.06 -12.43 15.95
CA GLU A 226 15.74 -12.02 17.17
C GLU A 226 17.13 -12.65 17.26
N LYS A 227 17.33 -13.73 16.52
CA LYS A 227 18.66 -14.31 16.35
C LYS A 227 19.38 -13.59 15.22
N ASP A 228 18.73 -12.58 14.68
CA ASP A 228 19.24 -11.75 13.59
C ASP A 228 19.11 -12.39 12.22
N TYR A 229 18.21 -13.35 12.08
CA TYR A 229 17.86 -13.82 10.75
C TYR A 229 17.01 -12.80 10.00
N ARG A 230 17.32 -12.60 8.73
CA ARG A 230 16.52 -11.77 7.82
C ARG A 230 16.39 -12.55 6.52
N MET A 231 15.45 -12.16 5.66
CA MET A 231 15.28 -12.82 4.37
C MET A 231 16.45 -12.50 3.45
N GLU A 232 16.88 -13.51 2.70
CA GLU A 232 18.02 -13.42 1.79
C GLU A 232 17.67 -12.53 0.60
N ARG A 233 18.70 -12.04 -0.09
CA ARG A 233 18.46 -11.19 -1.24
C ARG A 233 17.81 -12.02 -2.35
N PRO A 234 16.66 -11.57 -2.86
CA PRO A 234 16.01 -12.32 -3.94
C PRO A 234 16.89 -12.33 -5.19
N GLU A 235 16.81 -13.40 -5.97
CA GLU A 235 17.57 -13.48 -7.20
C GLU A 235 17.28 -12.25 -8.04
N GLY A 236 18.33 -11.55 -8.44
CA GLY A 236 18.16 -10.42 -9.34
C GLY A 236 17.81 -9.11 -8.66
N CYS A 237 17.54 -9.16 -7.36
CA CYS A 237 17.36 -7.90 -6.63
C CYS A 237 18.69 -7.16 -6.66
N PRO A 238 18.67 -5.88 -7.05
CA PRO A 238 19.89 -5.07 -6.97
C PRO A 238 20.46 -4.96 -5.56
N GLU A 239 21.78 -5.04 -5.46
CA GLU A 239 22.49 -5.02 -4.18
C GLU A 239 22.04 -3.88 -3.28
N LYS A 240 21.89 -2.70 -3.87
CA LYS A 240 21.54 -1.52 -3.10
C LYS A 240 20.11 -1.56 -2.59
N VAL A 241 19.21 -2.17 -3.36
CA VAL A 241 17.83 -2.34 -2.91
C VAL A 241 17.82 -3.29 -1.72
N TYR A 242 18.67 -4.31 -1.77
CA TYR A 242 18.73 -5.22 -0.65
C TYR A 242 19.29 -4.50 0.55
N GLU A 243 20.28 -3.64 0.33
CA GLU A 243 20.86 -2.84 1.41
C GLU A 243 19.75 -2.10 2.12
N LEU A 244 18.93 -1.42 1.33
CA LEU A 244 17.74 -0.76 1.83
C LEU A 244 16.80 -1.70 2.59
N MET A 245 16.50 -2.88 2.02
CA MET A 245 15.64 -3.86 2.71
C MET A 245 16.14 -4.12 4.11
N ARG A 246 17.45 -4.38 4.21
CA ARG A 246 18.06 -4.75 5.48
C ARG A 246 18.17 -3.58 6.46
N ALA A 247 18.30 -2.35 5.95
CA ALA A 247 18.27 -1.18 6.82
C ALA A 247 16.88 -1.07 7.42
N CYS A 248 15.87 -1.41 6.61
CA CYS A 248 14.48 -1.39 7.06
C CYS A 248 14.22 -2.45 8.14
N TRP A 249 15.02 -3.50 8.13
CA TRP A 249 14.88 -4.54 9.16
C TRP A 249 15.92 -4.46 10.28
N GLN A 250 16.48 -3.27 10.52
CA GLN A 250 17.23 -3.00 11.76
C GLN A 250 16.33 -3.31 12.95
N TRP A 251 16.85 -4.02 13.94
CA TRP A 251 16.05 -4.47 15.07
C TRP A 251 15.57 -3.29 15.89
N ASN A 252 16.44 -2.31 16.10
CA ASN A 252 16.00 -1.13 16.82
C ASN A 252 15.27 -0.21 15.85
N PRO A 253 14.03 0.17 16.18
CA PRO A 253 13.27 1.01 15.26
C PRO A 253 13.98 2.32 14.98
N SER A 254 14.68 2.83 15.99
CA SER A 254 15.43 4.08 15.83
C SER A 254 16.54 3.95 14.80
N ASP A 255 17.04 2.74 14.59
CA ASP A 255 18.10 2.49 13.60
C ASP A 255 17.61 2.43 12.17
N ARG A 256 16.29 2.36 11.99
CA ARG A 256 15.72 2.26 10.64
C ARG A 256 15.76 3.62 9.95
N PRO A 257 15.88 3.63 8.63
CA PRO A 257 15.78 4.86 7.85
C PRO A 257 14.38 5.49 7.83
N SER A 258 14.32 6.78 7.47
CA SER A 258 13.05 7.48 7.37
C SER A 258 12.49 7.22 5.99
N PHE A 259 11.20 7.42 5.80
CA PHE A 259 10.65 7.29 4.47
C PHE A 259 11.10 8.44 3.57
N ALA A 260 11.54 9.54 4.17
CA ALA A 260 12.15 10.62 3.40
C ALA A 260 13.46 10.15 2.78
N GLU A 261 14.33 9.57 3.60
CA GLU A 261 15.56 8.99 3.10
C GLU A 261 15.30 7.85 2.12
N ILE A 262 14.36 6.97 2.47
CA ILE A 262 14.02 5.85 1.62
C ILE A 262 13.53 6.31 0.24
N HIS A 263 12.65 7.29 0.23
CA HIS A 263 12.11 7.77 -1.03
C HIS A 263 13.18 8.48 -1.85
N GLN A 264 14.10 9.15 -1.18
CA GLN A 264 15.16 9.86 -1.86
C GLN A 264 16.04 8.83 -2.59
N ALA A 265 16.44 7.79 -1.86
CA ALA A 265 17.21 6.69 -2.44
C ALA A 265 16.58 6.05 -3.68
N PHE A 266 15.29 5.75 -3.61
CA PHE A 266 14.64 5.03 -4.71
C PHE A 266 14.43 5.88 -5.95
N GLU A 267 14.07 7.14 -5.74
CA GLU A 267 13.97 8.08 -6.84
C GLU A 267 15.25 8.06 -7.65
N THR A 268 16.36 8.23 -6.95
CA THR A 268 17.67 8.26 -7.56
C THR A 268 17.95 6.98 -8.36
N MET A 269 17.73 5.82 -7.73
CA MET A 269 17.85 4.56 -8.44
C MET A 269 16.92 4.50 -9.64
N PHE A 270 15.69 4.97 -9.45
CA PHE A 270 14.69 4.93 -10.51
C PHE A 270 15.16 5.71 -11.75
N GLN A 271 15.67 6.92 -11.52
CA GLN A 271 16.11 7.80 -12.60
C GLN A 271 17.30 7.21 -13.39
N GLU A 272 18.24 6.64 -12.65
CA GLU A 272 19.35 5.94 -13.27
C GLU A 272 18.86 4.79 -14.15
N SER A 273 17.83 4.08 -13.68
CA SER A 273 17.35 2.88 -14.36
C SER A 273 16.65 3.20 -15.67
N SER A 274 15.89 4.29 -15.70
CA SER A 274 15.10 4.66 -16.86
C SER A 274 15.96 5.15 -18.02
N ILE A 275 17.08 5.78 -17.71
CA ILE A 275 18.03 6.15 -18.75
C ILE A 275 18.39 4.89 -19.51
N SER A 276 18.58 3.81 -18.77
CA SER A 276 18.92 2.53 -19.37
C SER A 276 17.73 1.91 -20.10
N ASP A 277 16.55 2.00 -19.52
CA ASP A 277 15.41 1.34 -20.10
C ASP A 277 14.97 2.04 -21.38
N GLU A 278 14.84 3.35 -21.31
CA GLU A 278 14.52 4.14 -22.49
C GLU A 278 15.49 3.78 -23.60
N VAL A 279 16.78 3.88 -23.30
CA VAL A 279 17.79 3.54 -24.27
C VAL A 279 17.53 2.17 -24.84
N GLU A 280 17.28 1.20 -23.97
CA GLU A 280 16.99 -0.14 -24.42
C GLU A 280 15.72 -0.14 -25.28
N LYS A 281 14.74 0.66 -24.89
CA LYS A 281 13.52 0.74 -25.70
C LYS A 281 13.82 1.25 -27.12
N GLU A 282 14.64 2.28 -27.23
CA GLU A 282 14.97 2.83 -28.54
C GLU A 282 15.51 1.74 -29.46
N LEU A 283 16.52 1.02 -28.97
CA LEU A 283 17.20 0.01 -29.77
C LEU A 283 16.24 -1.09 -30.24
N GLY A 284 15.48 -1.65 -29.32
CA GLY A 284 14.48 -2.63 -29.72
C GLY A 284 13.48 -2.00 -30.68
N1 0LI B . -9.95 0.71 -7.15
N3 0LI B . -4.79 5.44 7.63
C4 0LI B . -10.90 1.47 -2.53
C5 0LI B . -11.11 2.09 -1.22
C6 0LI B . -12.41 2.55 -0.74
C7 0LI B . -12.48 3.17 0.56
C8 0LI B . -11.31 3.32 1.36
C10 0LI B . -9.95 2.26 -0.41
C13 0LI B . -7.82 4.23 3.60
C15 0LI B . -7.07 5.04 5.80
C17 0LI B . -5.49 5.12 3.86
C20 0LI B . -4.72 5.98 6.27
C21 0LI B . -4.48 3.98 7.71
C22 0LI B . -4.73 3.46 9.14
C24 0LI B . -3.91 6.17 8.56
C81 0LI B . -9.73 -1.79 -7.47
C82 0LI B . -9.79 -2.98 -6.76
C83 0LI B . -10.07 -2.94 -5.35
N81 0LI B . -10.29 -1.83 -4.64
N82 0LI B . -10.22 -0.68 -5.38
C84 0LI B . -9.95 -0.56 -6.77
C1 0LI B . -10.22 1.43 -6.02
C2 0LI B . -10.38 0.61 -4.95
C3 0LI B . -10.67 1.03 -3.64
C9 0LI B . -10.04 2.86 0.87
C11 0LI B . -13.69 2.41 -1.55
C12 0LI B . -8.77 2.99 1.66
O1 0LI B . -7.72 2.50 1.24
N2 0LI B . -8.86 3.67 2.83
C14 0LI B . -8.08 4.48 4.97
C16 0LI B . -5.76 5.37 5.28
C18 0LI B . -6.52 4.56 3.06
C19 0LI B . -4.13 5.43 3.17
F1 0LI B . -3.22 4.56 3.57
F2 0LI B . -4.20 5.32 1.84
F3 0LI B . -3.72 6.66 3.45
C23 0LI B . -4.03 5.62 10.02
C25 0LI B . -3.95 3.61 11.43
N4 0LI B . -3.83 4.14 10.09
#